data_6I0T
#
_entry.id   6I0T
#
_cell.length_a   60.425
_cell.length_b   60.425
_cell.length_c   162.284
_cell.angle_alpha   90.00
_cell.angle_beta   90.00
_cell.angle_gamma   120.00
#
_symmetry.space_group_name_H-M   'P 31 2 1'
#
loop_
_entity.id
_entity.type
_entity.pdbx_description
1 polymer 'Terminal uridylyltransferase Tailor'
2 polymer "RNA (5'-R(*GP*U)-3')"
3 water water
#
loop_
_entity_poly.entity_id
_entity_poly.type
_entity_poly.pdbx_seq_one_letter_code
_entity_poly.pdbx_strand_id
1 'polypeptide(L)'
;SNAPVQPHPTHQTKQEKKQAQVKARQHITVRLPKKARAMIVGEITNVFKDKYPIADKLKVIPEYDVIEQDLCKLLSPGFP
KQPLRVYKFGSRITGIGNRSSDLDLFVDIGNTFHTFEHRASNATVAKLRAMRKFFCDSEDWRLINFIEQARVPIIKTCHL
PTGIECDICLNSMGFCNTNLLKYIFESQPLTQYMCIYVKNWLERCKLTEQISTYSITLMVIYFLQLQALLPPIAMLQIED
AANQAVLVGPWVVNFAQKSFSELGLQQLKATVPVIKGFLRNFFAYFAKFDYEHFLVCPYIGQANVEIAKIERMLHARYSA
YVSDNPECSIQLKKPMVVQDPIQLNHNVTKAVTKYGLQTFVDYCQQTAELLEEPSTNWRQRYAF
;
A
2 'polyribonucleotide' GU B
#
loop_
_chem_comp.id
_chem_comp.type
_chem_comp.name
_chem_comp.formula
G RNA linking GUANOSINE-5'-MONOPHOSPHATE 'C10 H14 N5 O8 P'
U RNA linking URIDINE-5'-MONOPHOSPHATE 'C9 H13 N2 O9 P'
#
# COMPACT_ATOMS: atom_id res chain seq x y z
N VAL A 22 0.68 -25.74 -8.14
CA VAL A 22 -0.22 -25.17 -9.13
C VAL A 22 0.34 -25.35 -10.53
N LYS A 23 1.65 -25.12 -10.69
CA LYS A 23 2.30 -25.31 -11.98
C LYS A 23 1.92 -26.66 -12.57
N ALA A 24 1.91 -27.71 -11.75
CA ALA A 24 1.33 -28.98 -12.13
C ALA A 24 -0.17 -28.95 -11.92
N ARG A 25 -0.91 -29.49 -12.88
CA ARG A 25 -2.37 -29.51 -12.81
C ARG A 25 -2.93 -28.09 -12.88
N GLN A 26 -2.52 -27.35 -13.91
CA GLN A 26 -3.07 -26.03 -14.16
C GLN A 26 -4.56 -26.08 -14.45
N HIS A 27 -5.08 -27.23 -14.88
CA HIS A 27 -6.50 -27.39 -15.17
C HIS A 27 -7.34 -27.48 -13.91
N ILE A 28 -6.72 -27.53 -12.73
CA ILE A 28 -7.44 -27.70 -11.47
C ILE A 28 -7.45 -26.36 -10.73
N THR A 29 -8.65 -25.93 -10.33
CA THR A 29 -8.79 -24.73 -9.53
C THR A 29 -8.16 -24.95 -8.16
N VAL A 30 -7.17 -24.12 -7.81
CA VAL A 30 -6.50 -24.25 -6.52
C VAL A 30 -7.54 -24.08 -5.42
N ARG A 31 -7.66 -25.09 -4.56
CA ARG A 31 -8.71 -25.07 -3.55
C ARG A 31 -8.47 -23.94 -2.55
N LEU A 32 -9.51 -23.17 -2.27
CA LEU A 32 -9.44 -22.12 -1.28
C LEU A 32 -9.04 -22.71 0.07
N PRO A 33 -7.95 -22.26 0.69
CA PRO A 33 -7.53 -22.86 1.96
C PRO A 33 -8.63 -22.83 3.00
N LYS A 34 -8.65 -23.88 3.84
CA LYS A 34 -9.76 -24.05 4.77
C LYS A 34 -9.87 -22.89 5.75
N LYS A 35 -8.73 -22.37 6.22
CA LYS A 35 -8.77 -21.24 7.14
C LYS A 35 -9.51 -20.06 6.51
N ALA A 36 -9.32 -19.84 5.21
CA ALA A 36 -10.02 -18.75 4.54
C ALA A 36 -11.49 -19.08 4.35
N ARG A 37 -11.79 -20.34 4.02
CA ARG A 37 -13.17 -20.78 3.78
C ARG A 37 -13.99 -20.57 5.04
N ALA A 38 -13.44 -20.88 6.20
CA ALA A 38 -14.16 -20.79 7.48
C ALA A 38 -14.61 -19.36 7.73
N MET A 39 -13.73 -18.40 7.45
CA MET A 39 -13.96 -16.96 7.67
C MET A 39 -14.98 -16.38 6.67
N ILE A 40 -14.91 -16.77 5.40
CA ILE A 40 -15.84 -16.28 4.35
C ILE A 40 -17.26 -16.78 4.59
N VAL A 41 -17.45 -18.10 4.82
CA VAL A 41 -18.77 -18.74 5.05
C VAL A 41 -19.33 -18.29 6.40
N GLY A 42 -18.46 -17.95 7.35
CA GLY A 42 -18.80 -17.43 8.68
C GLY A 42 -19.33 -16.02 8.60
N GLU A 43 -19.98 -15.54 9.66
CA GLU A 43 -20.57 -14.19 9.72
C GLU A 43 -19.49 -13.16 9.37
N ILE A 44 -19.79 -12.18 8.54
CA ILE A 44 -18.83 -11.13 8.08
C ILE A 44 -18.85 -10.02 9.12
N THR A 45 -19.53 -10.26 10.23
CA THR A 45 -19.73 -9.23 11.25
C THR A 45 -18.48 -8.93 12.04
N ASN A 46 -17.49 -9.83 12.04
CA ASN A 46 -16.30 -9.63 12.87
C ASN A 46 -15.58 -8.35 12.48
N VAL A 47 -15.42 -8.09 11.18
CA VAL A 47 -14.77 -6.87 10.73
C VAL A 47 -15.57 -5.65 11.20
N PHE A 48 -16.88 -5.66 10.96
CA PHE A 48 -17.72 -4.51 11.30
C PHE A 48 -17.69 -4.21 12.78
N LYS A 49 -17.49 -5.23 13.63
CA LYS A 49 -17.70 -5.08 15.06
C LYS A 49 -16.44 -5.21 15.90
N ASP A 50 -15.48 -6.03 15.50
CA ASP A 50 -14.30 -6.28 16.34
C ASP A 50 -13.01 -5.78 15.72
N LYS A 51 -12.73 -6.14 14.46
CA LYS A 51 -11.46 -5.75 13.86
C LYS A 51 -11.43 -4.27 13.47
N TYR A 52 -12.59 -3.69 13.13
CA TYR A 52 -12.59 -2.27 12.78
C TYR A 52 -12.30 -1.39 13.97
N PRO A 53 -12.99 -1.50 15.11
CA PRO A 53 -12.65 -0.63 16.25
C PRO A 53 -11.18 -0.73 16.63
N ILE A 54 -10.60 -1.92 16.53
CA ILE A 54 -9.17 -2.08 16.80
C ILE A 54 -8.34 -1.29 15.80
N ALA A 55 -8.66 -1.43 14.51
CA ALA A 55 -7.90 -0.72 13.48
C ALA A 55 -8.01 0.79 13.64
N ASP A 56 -9.17 1.27 14.07
CA ASP A 56 -9.35 2.71 14.25
C ASP A 56 -8.57 3.23 15.45
N LYS A 57 -8.51 2.44 16.53
CA LYS A 57 -7.75 2.87 17.70
C LYS A 57 -6.25 2.90 17.40
N LEU A 58 -5.76 1.97 16.60
CA LEU A 58 -4.33 1.87 16.34
C LEU A 58 -3.81 2.96 15.41
N LYS A 59 -4.69 3.80 14.85
CA LYS A 59 -4.22 4.95 14.11
C LYS A 59 -3.39 5.87 14.99
N VAL A 60 -3.74 5.94 16.28
CA VAL A 60 -3.01 6.79 17.24
C VAL A 60 -2.96 6.04 18.57
N ILE A 61 -1.76 5.81 19.08
CA ILE A 61 -1.60 5.33 20.46
C ILE A 61 -0.35 5.96 21.05
N PRO A 62 -0.25 6.03 22.39
CA PRO A 62 0.92 6.69 22.99
C PRO A 62 2.24 6.05 22.61
N GLU A 63 2.25 4.76 22.31
CA GLU A 63 3.51 4.08 21.99
C GLU A 63 4.19 4.68 20.78
N TYR A 64 3.41 5.23 19.84
CA TYR A 64 4.00 5.80 18.64
C TYR A 64 4.88 7.00 18.97
N ASP A 65 4.44 7.83 19.93
CA ASP A 65 5.25 8.98 20.33
C ASP A 65 6.56 8.55 20.93
N VAL A 66 6.54 7.49 21.76
CA VAL A 66 7.78 7.01 22.37
C VAL A 66 8.76 6.56 21.30
N ILE A 67 8.28 5.81 20.31
CA ILE A 67 9.16 5.28 19.27
C ILE A 67 9.83 6.42 18.52
N GLU A 68 9.05 7.41 18.09
CA GLU A 68 9.62 8.53 17.35
C GLU A 68 10.65 9.27 18.19
N GLN A 69 10.31 9.55 19.45
CA GLN A 69 11.22 10.31 20.31
C GLN A 69 12.49 9.51 20.60
N ASP A 70 12.36 8.19 20.81
CA ASP A 70 13.56 7.38 21.01
C ASP A 70 14.39 7.31 19.74
N LEU A 71 13.73 7.25 18.59
CA LEU A 71 14.45 7.20 17.32
C LEU A 71 15.23 8.49 17.09
N CYS A 72 14.62 9.64 17.40
CA CYS A 72 15.33 10.91 17.24
C CYS A 72 16.50 11.02 18.21
N LYS A 73 16.26 10.62 19.46
CA LYS A 73 17.30 10.70 20.52
C LYS A 73 18.47 9.84 20.09
N LEU A 74 18.21 8.68 19.52
CA LEU A 74 19.24 7.72 19.06
C LEU A 74 20.01 8.23 17.84
N LEU A 75 19.33 8.82 16.86
CA LEU A 75 19.95 9.22 15.57
C LEU A 75 20.50 10.64 15.54
N SER A 76 19.99 11.57 16.33
CA SER A 76 20.44 12.99 16.28
C SER A 76 21.93 13.09 16.61
N PRO A 77 22.52 12.35 17.58
CA PRO A 77 23.96 12.44 17.83
C PRO A 77 24.83 11.97 16.66
N GLY A 78 24.41 10.93 15.96
CA GLY A 78 25.10 10.34 14.81
C GLY A 78 25.24 11.32 13.66
N PHE A 79 24.29 12.24 13.51
CA PHE A 79 24.27 13.30 12.48
C PHE A 79 23.95 14.61 13.22
N PRO A 80 24.89 15.20 13.99
CA PRO A 80 24.53 16.26 14.94
C PRO A 80 23.95 17.59 14.45
N LYS A 81 24.52 18.21 13.43
CA LYS A 81 23.99 19.50 12.94
C LYS A 81 23.04 19.24 11.75
N GLN A 82 22.84 17.99 11.32
CA GLN A 82 21.93 17.63 10.21
C GLN A 82 20.49 17.73 10.70
N PRO A 83 19.57 18.33 9.94
CA PRO A 83 18.18 18.37 10.33
C PRO A 83 17.61 16.95 10.21
N LEU A 84 16.73 16.56 11.13
CA LEU A 84 16.17 15.19 11.15
C LEU A 84 14.69 15.21 11.53
N ARG A 85 13.84 14.54 10.76
CA ARG A 85 12.42 14.40 11.05
C ARG A 85 12.00 12.97 10.75
N VAL A 86 11.10 12.45 11.57
CA VAL A 86 10.58 11.10 11.43
C VAL A 86 9.11 11.16 11.05
N TYR A 87 8.70 10.29 10.13
CA TYR A 87 7.32 10.23 9.66
C TYR A 87 6.77 8.83 9.88
N LYS A 88 5.59 8.74 10.47
CA LYS A 88 4.86 7.48 10.55
C LYS A 88 4.04 7.25 9.29
N PHE A 89 3.87 5.99 8.92
CA PHE A 89 2.97 5.63 7.83
C PHE A 89 2.72 4.13 7.89
N GLY A 90 1.92 3.63 6.97
CA GLY A 90 1.61 2.22 6.88
C GLY A 90 0.21 1.90 7.37
N SER A 91 -0.06 0.59 7.45
CA SER A 91 -1.41 0.12 7.75
C SER A 91 -1.91 0.67 9.08
N ARG A 92 -1.05 0.70 10.09
CA ARG A 92 -1.47 1.22 11.38
C ARG A 92 -2.01 2.64 11.26
N ILE A 93 -1.31 3.48 10.49
CA ILE A 93 -1.64 4.90 10.45
C ILE A 93 -2.90 5.14 9.61
N THR A 94 -3.09 4.35 8.55
CA THR A 94 -4.25 4.54 7.69
C THR A 94 -5.53 3.99 8.31
N GLY A 95 -5.42 3.06 9.25
CA GLY A 95 -6.56 2.51 9.93
C GLY A 95 -7.01 1.15 9.47
N ILE A 96 -6.10 0.27 9.06
CA ILE A 96 -6.46 -1.08 8.67
C ILE A 96 -5.52 -2.07 9.36
N GLY A 97 -4.93 -1.65 10.48
CA GLY A 97 -3.93 -2.47 11.14
C GLY A 97 -4.52 -3.39 12.20
N ASN A 98 -3.65 -4.27 12.72
CA ASN A 98 -3.96 -5.12 13.85
C ASN A 98 -2.81 -5.03 14.83
N ARG A 99 -2.99 -5.64 16.01
CA ARG A 99 -2.02 -5.46 17.08
C ARG A 99 -0.66 -6.05 16.75
N SER A 100 -0.58 -6.97 15.79
CA SER A 100 0.70 -7.53 15.38
C SER A 100 1.29 -6.79 14.18
N SER A 101 0.61 -5.77 13.67
CA SER A 101 1.11 -5.03 12.52
C SER A 101 2.42 -4.33 12.85
N ASP A 102 3.31 -4.25 11.87
CA ASP A 102 4.51 -3.44 12.01
C ASP A 102 4.14 -1.96 12.00
N LEU A 103 5.10 -1.13 12.42
CA LEU A 103 5.01 0.32 12.27
C LEU A 103 6.07 0.74 11.26
N ASP A 104 5.65 1.44 10.21
CA ASP A 104 6.56 1.91 9.18
C ASP A 104 7.00 3.33 9.51
N LEU A 105 8.30 3.60 9.39
CA LEU A 105 8.87 4.89 9.74
C LEU A 105 9.80 5.35 8.62
N PHE A 106 9.66 6.61 8.23
CA PHE A 106 10.56 7.25 7.28
C PHE A 106 11.42 8.25 8.06
N VAL A 107 12.72 7.99 8.10
CA VAL A 107 13.68 8.87 8.76
C VAL A 107 14.29 9.76 7.69
N ASP A 108 14.03 11.05 7.77
CA ASP A 108 14.56 12.03 6.82
C ASP A 108 15.74 12.75 7.47
N ILE A 109 16.93 12.51 6.94
CA ILE A 109 18.15 13.17 7.41
C ILE A 109 18.64 14.07 6.29
N GLY A 110 18.59 15.38 6.52
CA GLY A 110 19.11 16.33 5.56
C GLY A 110 18.09 16.85 4.56
N ASN A 111 16.81 16.88 4.92
CA ASN A 111 15.76 17.38 4.03
C ASN A 111 15.84 16.70 2.66
N THR A 112 15.88 15.38 2.67
CA THR A 112 15.83 14.60 1.44
C THR A 112 14.41 14.16 1.09
N PHE A 113 13.40 14.73 1.73
CA PHE A 113 12.02 14.31 1.53
C PHE A 113 11.64 14.33 0.04
N HIS A 114 11.99 15.41 -0.65
CA HIS A 114 11.54 15.64 -2.01
C HIS A 114 12.47 15.07 -3.07
N THR A 115 13.43 14.23 -2.67
CA THR A 115 14.36 13.62 -3.60
C THR A 115 13.93 12.18 -3.86
N PHE A 116 13.75 11.85 -5.14
CA PHE A 116 13.40 10.49 -5.55
C PHE A 116 14.64 9.77 -6.02
N GLU A 117 14.82 8.53 -5.57
CA GLU A 117 15.92 7.67 -5.98
C GLU A 117 15.33 6.40 -6.58
N HIS A 118 15.48 6.23 -7.89
CA HIS A 118 15.03 5.02 -8.55
C HIS A 118 15.65 3.78 -7.88
N ARG A 119 16.96 3.80 -7.70
CA ARG A 119 17.68 2.81 -6.90
C ARG A 119 18.41 3.53 -5.77
N ALA A 120 18.43 2.90 -4.60
CA ALA A 120 19.07 3.50 -3.43
C ALA A 120 20.50 3.90 -3.75
N SER A 121 20.81 5.19 -3.57
CA SER A 121 22.13 5.71 -3.84
C SER A 121 23.12 5.28 -2.76
N ASN A 122 24.40 5.51 -3.03
CA ASN A 122 25.43 5.19 -2.04
C ASN A 122 25.19 5.95 -0.74
N ALA A 123 24.85 7.23 -0.83
CA ALA A 123 24.56 8.01 0.37
C ALA A 123 23.42 7.38 1.15
N THR A 124 22.36 6.94 0.45
CA THR A 124 21.24 6.29 1.12
C THR A 124 21.68 5.01 1.81
N VAL A 125 22.48 4.19 1.13
CA VAL A 125 22.99 2.98 1.78
C VAL A 125 23.98 3.33 2.88
N ALA A 126 24.73 4.41 2.71
CA ALA A 126 25.67 4.84 3.74
C ALA A 126 24.92 5.26 5.01
N LYS A 127 23.91 6.10 4.86
CA LYS A 127 23.08 6.48 6.00
C LYS A 127 22.55 5.23 6.72
N LEU A 128 22.03 4.27 5.96
CA LEU A 128 21.41 3.10 6.54
C LEU A 128 22.41 2.24 7.30
N ARG A 129 23.67 2.21 6.84
CA ARG A 129 24.69 1.45 7.56
C ARG A 129 25.06 2.13 8.88
N ALA A 130 25.18 3.45 8.86
CA ALA A 130 25.42 4.18 10.11
C ALA A 130 24.28 3.95 11.10
N MET A 131 23.03 3.93 10.60
CA MET A 131 21.90 3.67 11.46
C MET A 131 21.90 2.22 11.95
N ARG A 132 22.33 1.29 11.11
CA ARG A 132 22.44 -0.10 11.55
C ARG A 132 23.26 -0.19 12.82
N LYS A 133 24.35 0.56 12.89
CA LYS A 133 25.26 0.45 14.04
C LYS A 133 24.60 0.99 15.31
N PHE A 134 23.83 2.06 15.20
CA PHE A 134 23.17 2.69 16.37
C PHE A 134 22.18 1.71 17.00
N PHE A 135 21.39 1.01 16.20
CA PHE A 135 20.37 0.05 16.68
C PHE A 135 21.03 -1.12 17.40
N CYS A 136 22.14 -1.63 16.88
CA CYS A 136 22.87 -2.79 17.46
C CYS A 136 23.41 -2.44 18.84
N ASP A 137 24.04 -1.28 18.95
CA ASP A 137 24.68 -0.80 20.19
C ASP A 137 23.63 -0.45 21.24
N SER A 138 22.51 0.13 20.87
CA SER A 138 21.47 0.59 21.82
C SER A 138 20.85 -0.59 22.55
N GLU A 139 20.48 -0.41 23.82
CA GLU A 139 19.81 -1.45 24.64
C GLU A 139 18.30 -1.37 24.45
N ASP A 140 17.77 -0.28 23.89
CA ASP A 140 16.32 -0.06 23.66
C ASP A 140 15.88 -0.63 22.30
N TRP A 141 16.79 -1.08 21.47
CA TRP A 141 16.45 -1.60 20.13
C TRP A 141 17.11 -2.96 19.86
N ARG A 142 16.40 -3.84 19.18
CA ARG A 142 16.96 -5.14 18.75
C ARG A 142 16.98 -5.11 17.23
N LEU A 143 18.15 -5.15 16.59
CA LEU A 143 18.24 -5.12 15.12
C LEU A 143 17.72 -6.46 14.61
N ILE A 144 16.87 -6.49 13.59
CA ILE A 144 16.32 -7.77 13.08
C ILE A 144 16.87 -8.05 11.69
N ASN A 145 16.50 -7.28 10.68
CA ASN A 145 16.97 -7.48 9.29
C ASN A 145 17.50 -6.16 8.75
N PHE A 146 18.64 -6.15 8.06
CA PHE A 146 19.16 -4.97 7.38
C PHE A 146 19.18 -5.37 5.90
N ILE A 147 18.40 -4.74 5.04
CA ILE A 147 18.33 -5.12 3.60
C ILE A 147 18.88 -3.96 2.78
N GLU A 148 19.95 -4.18 2.02
CA GLU A 148 20.53 -3.13 1.18
C GLU A 148 20.39 -3.40 -0.31
N GLN A 149 20.15 -4.64 -0.72
CA GLN A 149 19.92 -4.96 -2.14
C GLN A 149 18.42 -5.09 -2.40
N ALA A 150 17.72 -4.00 -2.21
CA ALA A 150 16.28 -3.92 -2.45
C ALA A 150 15.99 -2.55 -3.04
N ARG A 151 14.90 -2.44 -3.80
CA ARG A 151 14.44 -1.19 -4.42
C ARG A 151 14.43 -0.12 -3.34
N VAL A 152 13.76 -0.40 -2.23
CA VAL A 152 13.69 0.45 -1.02
C VAL A 152 14.42 -0.28 0.11
N PRO A 153 15.69 0.00 0.37
CA PRO A 153 16.36 -0.64 1.46
C PRO A 153 15.71 -0.21 2.78
N ILE A 154 15.55 -1.13 3.71
CA ILE A 154 14.95 -0.80 4.99
C ILE A 154 15.74 -1.47 6.11
N ILE A 155 15.53 -0.98 7.33
CA ILE A 155 16.04 -1.59 8.54
C ILE A 155 14.84 -2.09 9.35
N LYS A 156 14.89 -3.34 9.78
CA LYS A 156 13.85 -3.93 10.60
C LYS A 156 14.38 -4.10 12.01
N THR A 157 13.75 -3.41 12.96
CA THR A 157 14.17 -3.45 14.36
C THR A 157 12.94 -3.59 15.24
N CYS A 158 13.17 -4.06 16.47
CA CYS A 158 12.13 -4.14 17.48
C CYS A 158 12.38 -3.08 18.55
N HIS A 159 11.39 -2.22 18.78
CA HIS A 159 11.48 -1.22 19.85
C HIS A 159 11.17 -1.93 21.16
N LEU A 160 12.21 -2.27 21.90
CA LEU A 160 12.03 -3.13 23.07
C LEU A 160 11.11 -2.53 24.13
N PRO A 161 11.14 -1.22 24.40
CA PRO A 161 10.22 -0.69 25.43
C PRO A 161 8.76 -0.95 25.13
N THR A 162 8.34 -0.86 23.87
CA THR A 162 6.95 -1.08 23.50
C THR A 162 6.68 -2.45 22.92
N GLY A 163 7.71 -3.12 22.39
CA GLY A 163 7.53 -4.40 21.73
C GLY A 163 7.11 -4.29 20.28
N ILE A 164 6.91 -3.09 19.75
CA ILE A 164 6.44 -2.92 18.38
C ILE A 164 7.61 -3.07 17.42
N GLU A 165 7.43 -3.88 16.38
CA GLU A 165 8.44 -4.05 15.34
C GLU A 165 8.32 -2.91 14.32
N CYS A 166 9.45 -2.30 13.99
CA CYS A 166 9.48 -1.10 13.17
C CYS A 166 10.21 -1.34 11.87
N ASP A 167 9.63 -0.85 10.77
CA ASP A 167 10.24 -0.88 9.45
C ASP A 167 10.70 0.54 9.12
N ILE A 168 12.02 0.74 9.07
CA ILE A 168 12.62 2.06 8.92
C ILE A 168 13.21 2.18 7.52
N CYS A 169 12.83 3.25 6.82
CA CYS A 169 13.31 3.50 5.47
C CYS A 169 13.69 4.97 5.35
N LEU A 170 14.41 5.28 4.27
CA LEU A 170 14.84 6.65 3.98
C LEU A 170 14.16 7.19 2.73
N ASN A 171 12.90 6.80 2.53
CA ASN A 171 12.13 7.12 1.33
C ASN A 171 10.78 7.66 1.76
N SER A 172 10.36 8.77 1.16
CA SER A 172 9.15 9.47 1.58
C SER A 172 7.90 8.99 0.86
N MET A 173 8.04 8.15 -0.17
CA MET A 173 6.87 7.79 -0.98
C MET A 173 5.81 7.08 -0.14
N GLY A 174 6.23 6.21 0.79
CA GLY A 174 5.27 5.50 1.61
C GLY A 174 4.42 6.43 2.44
N PHE A 175 5.03 7.49 2.98
CA PHE A 175 4.30 8.46 3.77
C PHE A 175 3.29 9.22 2.91
N CYS A 176 3.65 9.52 1.66
CA CYS A 176 2.77 10.31 0.81
C CYS A 176 1.51 9.54 0.44
N ASN A 177 1.64 8.26 0.07
CA ASN A 177 0.45 7.51 -0.27
C ASN A 177 -0.36 7.11 0.96
N THR A 178 0.26 7.03 2.14
CA THR A 178 -0.50 6.88 3.37
C THR A 178 -1.42 8.07 3.59
N ASN A 179 -0.93 9.29 3.31
CA ASN A 179 -1.78 10.47 3.42
C ASN A 179 -2.94 10.39 2.43
N LEU A 180 -2.69 9.88 1.22
CA LEU A 180 -3.76 9.68 0.25
C LEU A 180 -4.78 8.68 0.78
N LEU A 181 -4.31 7.55 1.31
CA LEU A 181 -5.23 6.54 1.82
C LEU A 181 -6.10 7.09 2.94
N LYS A 182 -5.51 7.88 3.84
CA LYS A 182 -6.30 8.46 4.93
C LYS A 182 -7.46 9.28 4.38
N TYR A 183 -7.21 10.08 3.35
CA TYR A 183 -8.28 10.87 2.74
C TYR A 183 -9.33 9.99 2.09
N ILE A 184 -8.89 8.90 1.44
CA ILE A 184 -9.85 7.98 0.83
C ILE A 184 -10.70 7.31 1.89
N PHE A 185 -10.07 6.84 2.98
CA PHE A 185 -10.80 6.11 4.00
C PHE A 185 -11.74 7.03 4.76
N GLU A 186 -11.27 8.22 5.13
CA GLU A 186 -12.12 9.16 5.86
C GLU A 186 -13.31 9.61 5.01
N SER A 187 -13.08 9.82 3.71
CA SER A 187 -14.17 10.27 2.84
C SER A 187 -15.17 9.15 2.57
N GLN A 188 -14.70 7.91 2.45
CA GLN A 188 -15.53 6.78 2.06
C GLN A 188 -15.19 5.59 2.94
N PRO A 189 -15.72 5.56 4.16
CA PRO A 189 -15.28 4.52 5.12
C PRO A 189 -15.48 3.09 4.62
N LEU A 190 -16.44 2.86 3.72
CA LEU A 190 -16.59 1.54 3.13
C LEU A 190 -15.25 1.04 2.60
N THR A 191 -14.43 1.95 2.04
CA THR A 191 -13.12 1.56 1.55
C THR A 191 -12.28 0.96 2.67
N GLN A 192 -12.29 1.59 3.85
CA GLN A 192 -11.52 1.09 4.97
C GLN A 192 -12.01 -0.28 5.42
N TYR A 193 -13.34 -0.43 5.57
CA TYR A 193 -13.91 -1.72 5.95
C TYR A 193 -13.48 -2.82 4.98
N MET A 194 -13.56 -2.55 3.68
CA MET A 194 -13.23 -3.57 2.70
C MET A 194 -11.76 -3.94 2.76
N CYS A 195 -10.88 -2.96 2.95
CA CYS A 195 -9.45 -3.25 3.00
C CYS A 195 -9.10 -4.13 4.19
N ILE A 196 -9.72 -3.88 5.35
CA ILE A 196 -9.49 -4.73 6.51
C ILE A 196 -9.89 -6.17 6.20
N TYR A 197 -11.07 -6.34 5.59
CA TYR A 197 -11.52 -7.69 5.24
C TYR A 197 -10.54 -8.37 4.29
N VAL A 198 -10.19 -7.69 3.20
CA VAL A 198 -9.35 -8.31 2.18
C VAL A 198 -7.94 -8.52 2.70
N LYS A 199 -7.46 -7.64 3.57
CA LYS A 199 -6.17 -7.85 4.22
C LYS A 199 -6.15 -9.16 5.00
N ASN A 200 -7.19 -9.39 5.81
CA ASN A 200 -7.28 -10.63 6.56
C ASN A 200 -7.45 -11.83 5.63
N TRP A 201 -8.26 -11.68 4.58
CA TRP A 201 -8.41 -12.72 3.57
C TRP A 201 -7.07 -13.10 2.96
N LEU A 202 -6.23 -12.11 2.67
CA LEU A 202 -4.93 -12.38 2.08
C LEU A 202 -4.06 -13.23 3.00
N GLU A 203 -4.08 -12.93 4.30
CA GLU A 203 -3.28 -13.70 5.25
C GLU A 203 -3.80 -15.11 5.39
N ARG A 204 -5.11 -15.27 5.54
CA ARG A 204 -5.68 -16.61 5.65
C ARG A 204 -5.50 -17.42 4.38
N CYS A 205 -5.26 -16.77 3.25
CA CYS A 205 -4.95 -17.46 2.01
C CYS A 205 -3.45 -17.69 1.81
N LYS A 206 -2.62 -17.20 2.72
CA LYS A 206 -1.17 -17.33 2.63
C LYS A 206 -0.65 -16.79 1.29
N LEU A 207 -1.19 -15.64 0.88
CA LEU A 207 -0.76 -14.96 -0.34
C LEU A 207 0.03 -13.68 -0.04
N THR A 208 0.39 -13.45 1.23
CA THR A 208 0.97 -12.17 1.60
C THR A 208 2.35 -11.98 0.97
N GLU A 209 3.10 -13.06 0.74
CA GLU A 209 4.43 -12.92 0.16
C GLU A 209 4.35 -12.48 -1.29
N GLN A 210 3.33 -12.95 -2.03
CA GLN A 210 3.20 -12.59 -3.43
C GLN A 210 2.50 -11.24 -3.60
N ILE A 211 1.45 -10.99 -2.82
CA ILE A 211 0.64 -9.79 -2.96
C ILE A 211 0.59 -9.08 -1.62
N SER A 212 1.03 -7.83 -1.59
CA SER A 212 1.14 -7.07 -0.35
C SER A 212 -0.21 -6.49 0.05
N THR A 213 -0.30 -6.10 1.32
CA THR A 213 -1.48 -5.39 1.80
C THR A 213 -1.70 -4.12 0.99
N TYR A 214 -0.62 -3.41 0.65
CA TYR A 214 -0.76 -2.18 -0.11
C TYR A 214 -1.30 -2.45 -1.51
N SER A 215 -0.83 -3.52 -2.16
CA SER A 215 -1.32 -3.86 -3.49
C SER A 215 -2.83 -4.05 -3.47
N ILE A 216 -3.33 -4.82 -2.50
CA ILE A 216 -4.75 -5.12 -2.43
C ILE A 216 -5.54 -3.87 -2.04
N THR A 217 -4.92 -2.93 -1.35
CA THR A 217 -5.56 -1.65 -1.07
C THR A 217 -5.82 -0.87 -2.36
N LEU A 218 -4.81 -0.81 -3.24
CA LEU A 218 -4.99 -0.12 -4.51
C LEU A 218 -6.05 -0.81 -5.37
N MET A 219 -6.15 -2.14 -5.28
CA MET A 219 -7.17 -2.86 -6.03
C MET A 219 -8.57 -2.54 -5.52
N VAL A 220 -8.73 -2.43 -4.19
CA VAL A 220 -10.02 -2.03 -3.65
C VAL A 220 -10.37 -0.62 -4.11
N ILE A 221 -9.41 0.30 -4.05
CA ILE A 221 -9.65 1.67 -4.47
C ILE A 221 -10.06 1.71 -5.93
N TYR A 222 -9.35 0.97 -6.78
CA TYR A 222 -9.68 0.95 -8.20
C TYR A 222 -11.10 0.41 -8.40
N PHE A 223 -11.43 -0.69 -7.74
CA PHE A 223 -12.77 -1.26 -7.87
C PHE A 223 -13.84 -0.24 -7.46
N LEU A 224 -13.64 0.46 -6.33
CA LEU A 224 -14.64 1.43 -5.92
C LEU A 224 -14.72 2.58 -6.91
N GLN A 225 -13.58 2.98 -7.50
CA GLN A 225 -13.64 4.01 -8.53
C GLN A 225 -14.55 3.59 -9.68
N LEU A 226 -14.50 2.31 -10.07
CA LEU A 226 -15.36 1.83 -11.13
C LEU A 226 -16.82 1.79 -10.73
N GLN A 227 -17.11 1.75 -9.43
CA GLN A 227 -18.48 1.84 -8.93
C GLN A 227 -18.90 3.28 -8.68
N ALA A 228 -18.10 4.25 -9.12
CA ALA A 228 -18.42 5.68 -8.95
C ALA A 228 -18.58 6.05 -7.48
N LEU A 229 -17.74 5.46 -6.62
CA LEU A 229 -17.72 5.79 -5.21
C LEU A 229 -16.42 6.43 -4.76
N LEU A 230 -15.42 6.50 -5.65
CA LEU A 230 -14.14 7.14 -5.36
C LEU A 230 -13.70 7.92 -6.58
N PRO A 231 -12.97 9.02 -6.40
CA PRO A 231 -12.52 9.81 -7.54
C PRO A 231 -11.25 9.22 -8.15
N PRO A 232 -11.02 9.42 -9.45
CA PRO A 232 -9.69 9.12 -10.00
C PRO A 232 -8.65 10.03 -9.36
N ILE A 233 -7.50 9.45 -9.02
CA ILE A 233 -6.45 10.24 -8.40
C ILE A 233 -6.01 11.35 -9.35
N ALA A 234 -6.00 11.08 -10.65
CA ALA A 234 -5.63 12.10 -11.63
C ALA A 234 -6.55 13.30 -11.55
N MET A 235 -7.83 13.09 -11.22
CA MET A 235 -8.77 14.20 -11.11
C MET A 235 -8.57 15.02 -9.85
N LEU A 236 -7.75 14.56 -8.91
CA LEU A 236 -7.42 15.33 -7.73
C LEU A 236 -6.13 16.13 -7.89
N GLN A 237 -5.48 16.06 -9.05
CA GLN A 237 -4.17 16.67 -9.24
C GLN A 237 -4.17 17.67 -10.40
N ILE A 238 -5.33 18.22 -10.75
CA ILE A 238 -5.41 19.25 -11.78
C ILE A 238 -4.65 20.47 -11.29
N GLU A 239 -3.54 20.80 -11.95
CA GLU A 239 -2.64 21.82 -11.45
C GLU A 239 -3.30 23.19 -11.50
N ASP A 240 -3.32 23.87 -10.35
CA ASP A 240 -3.91 25.21 -10.25
C ASP A 240 -2.86 26.29 -10.44
N GLN A 244 -1.09 23.96 -7.35
CA GLN A 244 0.35 23.81 -7.53
C GLN A 244 0.83 22.45 -7.00
N ALA A 245 1.68 21.79 -7.78
CA ALA A 245 2.12 20.45 -7.45
C ALA A 245 3.25 20.47 -6.43
N VAL A 246 3.23 19.51 -5.51
CA VAL A 246 4.35 19.20 -4.64
C VAL A 246 5.00 17.92 -5.16
N LEU A 247 6.32 17.94 -5.30
CA LEU A 247 7.02 16.93 -6.08
C LEU A 247 8.04 16.18 -5.24
N VAL A 248 8.05 14.86 -5.41
CA VAL A 248 9.15 14.01 -4.97
C VAL A 248 9.77 13.46 -6.24
N GLY A 249 10.90 14.03 -6.66
CA GLY A 249 11.42 13.77 -7.97
C GLY A 249 10.40 14.19 -9.01
N PRO A 250 10.04 13.29 -9.93
CA PRO A 250 9.03 13.62 -10.93
C PRO A 250 7.59 13.31 -10.52
N TRP A 251 7.36 12.86 -9.29
CA TRP A 251 6.04 12.39 -8.88
C TRP A 251 5.28 13.48 -8.14
N VAL A 252 4.01 13.64 -8.47
CA VAL A 252 3.12 14.58 -7.79
C VAL A 252 2.52 13.86 -6.59
N VAL A 253 2.96 14.25 -5.39
CA VAL A 253 2.56 13.54 -4.18
C VAL A 253 1.41 14.21 -3.44
N ASN A 254 1.07 15.45 -3.79
CA ASN A 254 -0.05 16.13 -3.16
C ASN A 254 -1.33 15.94 -3.98
N PHE A 255 -2.45 16.30 -3.38
CA PHE A 255 -3.76 16.10 -4.00
C PHE A 255 -4.75 17.06 -3.37
N ALA A 256 -5.77 17.41 -4.13
CA ALA A 256 -6.82 18.30 -3.65
C ALA A 256 -7.80 17.49 -2.80
N GLN A 257 -7.95 17.88 -1.55
CA GLN A 257 -8.84 17.17 -0.61
C GLN A 257 -10.26 17.66 -0.86
N LYS A 258 -10.75 17.39 -2.06
CA LYS A 258 -12.08 17.81 -2.53
C LYS A 258 -13.16 17.12 -1.71
N SER A 259 -14.22 17.84 -1.36
CA SER A 259 -15.38 17.22 -0.68
C SER A 259 -16.03 16.30 -1.70
N PHE A 260 -16.55 15.15 -1.29
CA PHE A 260 -17.21 14.15 -2.16
C PHE A 260 -18.49 14.76 -2.76
N SER A 261 -19.17 15.63 -2.02
CA SER A 261 -20.42 16.31 -2.43
C SER A 261 -20.16 17.14 -3.70
N GLU A 262 -19.00 17.77 -3.82
CA GLU A 262 -18.58 18.60 -4.98
C GLU A 262 -18.47 17.70 -6.22
N LEU A 263 -18.07 16.45 -6.07
CA LEU A 263 -17.91 15.50 -7.18
C LEU A 263 -19.15 14.62 -7.34
N GLY A 264 -20.22 14.81 -6.57
CA GLY A 264 -21.37 13.94 -6.69
C GLY A 264 -21.16 12.54 -6.17
N LEU A 265 -20.09 12.28 -5.41
CA LEU A 265 -19.84 10.94 -4.88
C LEU A 265 -20.61 10.76 -3.58
N GLN A 266 -21.49 9.77 -3.56
CA GLN A 266 -22.25 9.47 -2.35
C GLN A 266 -21.36 8.79 -1.33
N GLN A 267 -21.38 9.28 -0.09
CA GLN A 267 -20.71 8.61 1.02
C GLN A 267 -21.68 7.60 1.62
N LEU A 268 -21.45 6.31 1.37
CA LEU A 268 -22.37 5.30 1.88
C LEU A 268 -22.14 5.09 3.37
N LYS A 269 -23.22 4.69 4.06
CA LYS A 269 -23.12 4.26 5.45
C LYS A 269 -22.77 2.78 5.46
N ALA A 270 -21.62 2.45 6.01
CA ALA A 270 -21.15 1.06 6.00
C ALA A 270 -22.03 0.21 6.91
N THR A 271 -22.75 -0.74 6.31
CA THR A 271 -23.51 -1.73 7.05
C THR A 271 -23.19 -3.11 6.47
N VAL A 272 -23.53 -4.14 7.24
CA VAL A 272 -23.11 -5.50 6.87
C VAL A 272 -23.67 -5.90 5.51
N PRO A 273 -24.91 -5.57 5.14
CA PRO A 273 -25.36 -5.90 3.78
C PRO A 273 -24.56 -5.20 2.69
N VAL A 274 -24.34 -3.88 2.83
CA VAL A 274 -23.47 -3.14 1.91
C VAL A 274 -22.17 -3.87 1.69
N ILE A 275 -21.40 -3.99 2.78
CA ILE A 275 -20.04 -4.47 2.73
C ILE A 275 -20.00 -5.82 2.03
N LYS A 276 -20.86 -6.75 2.47
CA LYS A 276 -20.89 -8.06 1.84
C LYS A 276 -21.17 -7.95 0.34
N GLY A 277 -22.13 -7.10 -0.03
CA GLY A 277 -22.45 -6.96 -1.44
C GLY A 277 -21.28 -6.47 -2.27
N PHE A 278 -20.59 -5.43 -1.79
CA PHE A 278 -19.45 -4.91 -2.54
C PHE A 278 -18.28 -5.88 -2.53
N LEU A 279 -18.09 -6.62 -1.43
CA LEU A 279 -17.02 -7.61 -1.38
C LEU A 279 -17.25 -8.72 -2.39
N ARG A 280 -18.50 -9.18 -2.53
CA ARG A 280 -18.80 -10.19 -3.53
C ARG A 280 -18.38 -9.73 -4.92
N ASN A 281 -18.85 -8.55 -5.34
CA ASN A 281 -18.50 -8.05 -6.66
C ASN A 281 -17.00 -7.77 -6.78
N PHE A 282 -16.36 -7.37 -5.69
CA PHE A 282 -14.92 -7.17 -5.70
C PHE A 282 -14.20 -8.45 -6.10
N PHE A 283 -14.46 -9.54 -5.39
CA PHE A 283 -13.83 -10.82 -5.71
C PHE A 283 -14.27 -11.32 -7.07
N ALA A 284 -15.55 -11.11 -7.41
CA ALA A 284 -16.02 -11.49 -8.73
C ALA A 284 -15.27 -10.73 -9.82
N TYR A 285 -15.10 -9.42 -9.64
CA TYR A 285 -14.44 -8.60 -10.64
C TYR A 285 -13.02 -9.10 -10.92
N PHE A 286 -12.22 -9.28 -9.87
CA PHE A 286 -10.84 -9.70 -10.05
C PHE A 286 -10.69 -11.19 -10.33
N ALA A 287 -11.76 -11.97 -10.18
CA ALA A 287 -11.72 -13.35 -10.66
C ALA A 287 -11.81 -13.38 -12.19
N LYS A 288 -12.54 -12.45 -12.79
CA LYS A 288 -12.73 -12.42 -14.23
C LYS A 288 -11.87 -11.35 -14.92
N PHE A 289 -11.06 -10.62 -14.15
CA PHE A 289 -10.23 -9.58 -14.71
C PHE A 289 -9.23 -10.14 -15.70
N ASP A 290 -9.00 -9.40 -16.79
CA ASP A 290 -8.08 -9.82 -17.85
C ASP A 290 -6.71 -9.23 -17.54
N TYR A 291 -5.93 -9.96 -16.74
CA TYR A 291 -4.60 -9.48 -16.34
C TYR A 291 -3.61 -9.47 -17.49
N GLU A 292 -3.91 -10.14 -18.61
CA GLU A 292 -2.96 -10.19 -19.72
C GLU A 292 -2.94 -8.89 -20.51
N HIS A 293 -4.08 -8.20 -20.63
CA HIS A 293 -4.21 -6.95 -21.42
C HIS A 293 -4.50 -5.69 -20.61
N PHE A 294 -4.96 -5.79 -19.37
CA PHE A 294 -5.37 -4.62 -18.57
C PHE A 294 -4.60 -4.55 -17.25
N LEU A 295 -4.55 -3.36 -16.66
CA LEU A 295 -3.85 -3.12 -15.38
C LEU A 295 -4.80 -2.44 -14.42
N VAL A 296 -4.58 -2.62 -13.12
CA VAL A 296 -5.34 -1.93 -12.04
C VAL A 296 -4.74 -0.52 -12.05
N CYS A 297 -5.54 0.51 -12.31
CA CYS A 297 -5.04 1.88 -12.51
C CYS A 297 -5.79 2.89 -11.66
N PRO A 298 -5.54 3.01 -10.34
CA PRO A 298 -6.25 4.00 -9.53
C PRO A 298 -5.93 5.41 -10.01
N TYR A 299 -4.80 5.64 -10.69
CA TYR A 299 -4.51 6.98 -11.19
C TYR A 299 -5.59 7.46 -12.15
N ILE A 300 -5.97 6.61 -13.11
CA ILE A 300 -7.00 6.98 -14.07
C ILE A 300 -8.40 6.67 -13.55
N GLY A 301 -8.56 5.62 -12.74
CA GLY A 301 -9.84 5.33 -12.15
C GLY A 301 -10.95 5.08 -13.16
N GLN A 302 -10.60 4.55 -14.32
CA GLN A 302 -11.58 4.21 -15.35
C GLN A 302 -11.54 2.70 -15.61
N ALA A 303 -12.64 2.20 -16.16
CA ALA A 303 -12.71 0.79 -16.52
C ALA A 303 -11.82 0.50 -17.73
N ASN A 304 -11.26 -0.71 -17.75
CA ASN A 304 -10.57 -1.25 -18.91
C ASN A 304 -9.44 -0.33 -19.39
N VAL A 305 -8.48 -0.10 -18.48
CA VAL A 305 -7.27 0.63 -18.82
C VAL A 305 -6.30 -0.38 -19.45
N GLU A 306 -5.99 -0.19 -20.72
CA GLU A 306 -5.17 -1.16 -21.44
C GLU A 306 -3.70 -0.99 -21.11
N ILE A 307 -3.00 -2.11 -20.94
CA ILE A 307 -1.55 -2.09 -20.77
C ILE A 307 -0.89 -1.40 -21.96
N ALA A 308 -1.51 -1.49 -23.14
CA ALA A 308 -0.88 -0.95 -24.34
C ALA A 308 -0.93 0.57 -24.39
N LYS A 309 -1.93 1.18 -23.76
CA LYS A 309 -2.16 2.61 -23.89
C LYS A 309 -1.79 3.40 -22.65
N ILE A 310 -1.35 2.76 -21.56
CA ILE A 310 -1.26 3.44 -20.28
C ILE A 310 -0.17 4.52 -20.32
N GLU A 311 0.99 4.22 -20.89
CA GLU A 311 2.09 5.16 -20.83
C GLU A 311 1.77 6.47 -21.54
N ARG A 312 0.94 6.43 -22.58
CA ARG A 312 0.52 7.67 -23.24
C ARG A 312 -0.43 8.46 -22.35
N MET A 313 -1.12 7.79 -21.43
CA MET A 313 -2.14 8.45 -20.62
C MET A 313 -1.57 9.14 -19.38
N LEU A 314 -0.28 8.98 -19.08
CA LEU A 314 0.25 9.56 -17.84
C LEU A 314 0.62 11.03 -18.04
N HIS A 315 0.93 11.70 -16.95
CA HIS A 315 1.16 13.13 -16.98
C HIS A 315 2.54 13.43 -17.55
N ALA A 316 2.79 14.72 -17.81
CA ALA A 316 3.97 15.12 -18.56
C ALA A 316 5.26 14.80 -17.81
N ARG A 317 5.24 14.94 -16.49
CA ARG A 317 6.45 14.68 -15.72
C ARG A 317 6.89 13.23 -15.87
N TYR A 318 5.94 12.30 -15.97
CA TYR A 318 6.30 10.91 -16.25
C TYR A 318 6.95 10.79 -17.62
N SER A 319 6.29 11.34 -18.64
CA SER A 319 6.81 11.24 -20.00
C SER A 319 8.21 11.83 -20.11
N ALA A 320 8.44 12.97 -19.44
CA ALA A 320 9.77 13.56 -19.47
C ALA A 320 10.79 12.66 -18.74
N TYR A 321 10.39 12.07 -17.62
CA TYR A 321 11.32 11.27 -16.84
C TYR A 321 11.74 10.01 -17.58
N VAL A 322 10.80 9.30 -18.20
CA VAL A 322 11.16 8.08 -18.90
C VAL A 322 11.92 8.38 -20.19
N SER A 323 11.64 9.51 -20.81
CA SER A 323 12.32 9.89 -22.06
C SER A 323 13.81 10.00 -21.75
N ASP A 324 14.14 10.68 -20.66
CA ASP A 324 15.52 10.86 -20.15
C ASP A 324 16.05 9.54 -19.59
N ASN A 325 15.19 8.78 -18.92
CA ASN A 325 15.56 7.52 -18.24
C ASN A 325 14.63 6.41 -18.74
N PRO A 326 14.83 5.79 -19.93
CA PRO A 326 13.91 4.77 -20.42
C PRO A 326 13.82 3.52 -19.53
N GLU A 327 14.92 3.17 -18.86
CA GLU A 327 15.02 1.98 -17.99
C GLU A 327 14.14 2.14 -16.75
N CYS A 328 13.60 3.34 -16.48
CA CYS A 328 12.78 3.57 -15.30
C CYS A 328 11.29 3.53 -15.60
N SER A 329 10.90 3.13 -16.80
CA SER A 329 9.49 3.05 -17.13
C SER A 329 8.82 1.91 -16.33
N ILE A 330 7.50 2.01 -16.21
CA ILE A 330 6.76 1.00 -15.45
C ILE A 330 6.94 -0.36 -16.11
N GLN A 331 7.12 -1.39 -15.29
CA GLN A 331 7.34 -2.75 -15.76
C GLN A 331 5.99 -3.37 -16.12
N LEU A 332 5.63 -3.27 -17.40
CA LEU A 332 4.33 -3.74 -17.88
C LEU A 332 4.34 -5.19 -18.30
N LYS A 333 5.50 -5.77 -18.60
CA LYS A 333 5.59 -7.14 -19.09
C LYS A 333 5.74 -8.12 -17.91
N LYS A 334 4.69 -8.14 -17.10
CA LYS A 334 4.59 -9.01 -15.93
C LYS A 334 3.18 -9.57 -15.88
N PRO A 335 3.01 -10.74 -15.25
CA PRO A 335 1.66 -11.33 -15.19
C PRO A 335 0.61 -10.40 -14.61
N MET A 336 0.95 -9.65 -13.58
CA MET A 336 0.01 -8.80 -12.85
C MET A 336 0.57 -7.39 -12.79
N VAL A 337 -0.25 -6.41 -13.20
CA VAL A 337 0.16 -5.02 -13.25
C VAL A 337 -0.80 -4.20 -12.39
N VAL A 338 -0.32 -3.71 -11.26
CA VAL A 338 -1.06 -2.82 -10.37
C VAL A 338 -0.21 -1.57 -10.20
N GLN A 339 -0.69 -0.45 -10.74
CA GLN A 339 0.11 0.78 -10.78
C GLN A 339 -0.14 1.63 -9.55
N ASP A 340 0.94 2.01 -8.88
CA ASP A 340 0.87 2.98 -7.79
C ASP A 340 0.35 4.31 -8.34
N PRO A 341 -0.66 4.92 -7.72
CA PRO A 341 -1.25 6.14 -8.30
C PRO A 341 -0.39 7.39 -8.14
N ILE A 342 0.67 7.33 -7.33
CA ILE A 342 1.58 8.45 -7.14
C ILE A 342 2.92 8.18 -7.82
N GLN A 343 3.56 7.06 -7.49
CA GLN A 343 4.78 6.64 -8.17
C GLN A 343 4.39 5.85 -9.41
N LEU A 344 4.05 6.59 -10.46
CA LEU A 344 3.42 6.05 -11.71
C LEU A 344 4.31 5.04 -12.41
N ASN A 345 5.61 5.02 -12.14
CA ASN A 345 6.56 4.06 -12.76
C ASN A 345 6.67 2.75 -11.96
N HIS A 346 5.96 2.59 -10.84
CA HIS A 346 6.05 1.40 -9.98
C HIS A 346 4.87 0.43 -10.16
N ASN A 347 5.12 -0.79 -10.62
CA ASN A 347 4.11 -1.88 -10.68
C ASN A 347 4.25 -2.60 -9.35
N VAL A 348 3.33 -2.41 -8.42
CA VAL A 348 3.41 -2.96 -7.04
C VAL A 348 3.39 -4.50 -7.07
N THR A 349 2.78 -5.11 -8.08
CA THR A 349 2.68 -6.56 -8.16
C THR A 349 3.63 -7.15 -9.20
N LYS A 350 4.78 -6.49 -9.40
CA LYS A 350 5.70 -6.92 -10.44
C LYS A 350 6.33 -8.28 -10.15
N ALA A 351 6.40 -8.68 -8.89
CA ALA A 351 6.99 -9.96 -8.52
C ALA A 351 5.99 -11.10 -8.53
N VAL A 352 4.70 -10.82 -8.77
CA VAL A 352 3.70 -11.88 -8.81
C VAL A 352 3.98 -12.78 -10.00
N THR A 353 3.87 -14.09 -9.78
CA THR A 353 4.11 -15.08 -10.81
C THR A 353 2.81 -15.46 -11.51
N LYS A 354 2.93 -16.10 -12.67
CA LYS A 354 1.76 -16.62 -13.36
C LYS A 354 0.96 -17.54 -12.44
N TYR A 355 1.65 -18.36 -11.65
CA TYR A 355 0.98 -19.30 -10.76
C TYR A 355 0.55 -18.62 -9.46
N GLY A 356 1.26 -17.58 -9.05
CA GLY A 356 0.75 -16.74 -7.97
C GLY A 356 -0.51 -16.00 -8.39
N LEU A 357 -0.56 -15.55 -9.65
CA LEU A 357 -1.75 -14.87 -10.15
C LEU A 357 -2.92 -15.85 -10.26
N GLN A 358 -2.68 -17.03 -10.81
CA GLN A 358 -3.76 -18.01 -10.93
C GLN A 358 -4.30 -18.38 -9.55
N THR A 359 -3.40 -18.60 -8.59
CA THR A 359 -3.83 -18.88 -7.23
C THR A 359 -4.75 -17.78 -6.72
N PHE A 360 -4.37 -16.53 -6.95
CA PHE A 360 -5.19 -15.40 -6.50
C PHE A 360 -6.53 -15.35 -7.22
N VAL A 361 -6.53 -15.65 -8.53
CA VAL A 361 -7.77 -15.65 -9.28
C VAL A 361 -8.69 -16.78 -8.82
N ASP A 362 -8.11 -17.96 -8.60
CA ASP A 362 -8.91 -19.10 -8.14
C ASP A 362 -9.54 -18.81 -6.78
N TYR A 363 -8.75 -18.25 -5.85
CA TYR A 363 -9.30 -17.91 -4.55
C TYR A 363 -10.37 -16.83 -4.67
N CYS A 364 -10.16 -15.85 -5.55
CA CYS A 364 -11.18 -14.83 -5.78
C CYS A 364 -12.49 -15.46 -6.26
N GLN A 365 -12.39 -16.38 -7.22
CA GLN A 365 -13.60 -17.02 -7.75
C GLN A 365 -14.34 -17.77 -6.66
N GLN A 366 -13.63 -18.64 -5.94
CA GLN A 366 -14.29 -19.41 -4.88
C GLN A 366 -14.80 -18.51 -3.76
N THR A 367 -14.14 -17.38 -3.52
CA THR A 367 -14.61 -16.46 -2.49
C THR A 367 -15.89 -15.76 -2.93
N ALA A 368 -15.96 -15.35 -4.20
CA ALA A 368 -17.17 -14.73 -4.71
C ALA A 368 -18.36 -15.67 -4.60
N GLU A 369 -18.14 -16.95 -4.89
CA GLU A 369 -19.21 -17.94 -4.79
C GLU A 369 -19.72 -18.06 -3.36
N LEU A 370 -18.80 -18.06 -2.38
CA LEU A 370 -19.19 -18.25 -0.99
C LEU A 370 -19.95 -17.05 -0.44
N LEU A 371 -19.84 -15.88 -1.07
CA LEU A 371 -20.64 -14.73 -0.72
C LEU A 371 -21.92 -14.64 -1.54
N GLU A 372 -22.36 -15.77 -2.09
CA GLU A 372 -23.49 -15.86 -3.03
C GLU A 372 -22.98 -15.72 -4.46
#